data_6DA4
#
_entry.id   6DA4
#
_cell.length_a   46.384
_cell.length_b   75.516
_cell.length_c   89.621
_cell.angle_alpha   90.000
_cell.angle_beta   90.000
_cell.angle_gamma   90.000
#
_symmetry.space_group_name_H-M   'P 21 21 21'
#
loop_
_entity.id
_entity.type
_entity.pdbx_description
1 polymer 'Tyrosine-protein kinase JAK3'
2 non-polymer (Z)-1-{2,2-difluoro-6-[5-(2-methoxyethyl)-7H-pyrrolo[2,3-d]pyrimidin-4-yl]-2,3-dihydro-4H-1,4-benzoxazin-4-yl}methanimine
3 water water
#
_entity_poly.entity_id   1
_entity_poly.type   'polypeptide(L)'
_entity_poly.pdbx_seq_one_letter_code
;MGHHHHHHQDPTIFEERHLKYISQLGKGNFGSVELCRYDPLGDNTGALVAVKQLQHSGPDQQRDFQREIQILKALHSDFI
VKYRGVSYGPGRQSLRLVMEYLPSGCLRDFLQRHRARLDASRLLLYSSQICKGMEYLGSRRCVHRDLAARNILVESEAHV
KIADFGLAKLLPLDKDYYVVREPGQSPIFWYAPESLSDNIFSRQSDVWSFGVVLYELFTYCDKSCSPSAEFLRMMGCERD
VPALSRLLELLEEGQRLPAPPACPAEVHELMKLCWAPSPQDRPSFSALGPQLDMLWSGSRGCETHAFTAHPEGKHHSLSF
S
;
_entity_poly.pdbx_strand_id   A
#
# COMPACT_ATOMS: atom_id res chain seq x y z
N THR A 12 4.32 24.02 -3.23
CA THR A 12 3.37 23.57 -4.25
C THR A 12 4.08 23.29 -5.61
N ILE A 13 5.02 24.18 -6.02
CA ILE A 13 5.86 24.03 -7.22
C ILE A 13 7.35 24.05 -6.78
N PHE A 14 8.07 22.95 -7.07
CA PHE A 14 9.48 22.75 -6.71
C PHE A 14 10.34 22.89 -7.95
N GLU A 15 11.43 23.68 -7.85
CA GLU A 15 12.35 23.90 -8.97
C GLU A 15 13.39 22.81 -8.98
N GLU A 16 13.56 22.12 -10.13
CA GLU A 16 14.50 21.01 -10.28
C GLU A 16 15.96 21.41 -9.97
N ARG A 17 16.30 22.70 -10.23
CA ARG A 17 17.63 23.27 -9.96
C ARG A 17 17.93 23.36 -8.45
N HIS A 18 16.88 23.40 -7.60
CA HIS A 18 17.02 23.49 -6.14
C HIS A 18 16.70 22.17 -5.43
N LEU A 19 16.59 21.07 -6.21
CA LEU A 19 16.34 19.73 -5.69
C LEU A 19 17.61 18.89 -5.84
N LYS A 20 18.49 18.96 -4.79
CA LYS A 20 19.77 18.27 -4.69
C LYS A 20 19.54 16.83 -4.27
N TYR A 21 19.75 15.91 -5.21
CA TYR A 21 19.54 14.47 -5.07
C TYR A 21 20.59 13.88 -4.12
N ILE A 22 20.15 12.99 -3.22
CA ILE A 22 20.99 12.31 -2.23
C ILE A 22 21.08 10.82 -2.58
N SER A 23 20.05 10.04 -2.28
CA SER A 23 20.07 8.60 -2.58
C SER A 23 18.77 8.13 -3.24
N GLN A 24 18.70 6.83 -3.59
CA GLN A 24 17.48 6.21 -4.10
C GLN A 24 16.73 5.67 -2.88
N LEU A 25 15.40 5.84 -2.84
CA LEU A 25 14.62 5.33 -1.72
C LEU A 25 13.99 3.99 -2.02
N GLY A 26 13.97 3.67 -3.30
CA GLY A 26 13.41 2.43 -3.81
C GLY A 26 12.88 2.62 -5.21
N LYS A 27 12.65 1.52 -5.90
CA LYS A 27 12.16 1.45 -7.27
C LYS A 27 10.82 0.64 -7.34
N GLY A 28 10.11 0.73 -8.46
CA GLY A 28 8.85 0.03 -8.65
C GLY A 28 7.85 0.66 -9.60
N ASN A 29 7.12 -0.19 -10.36
CA ASN A 29 6.09 0.16 -11.36
C ASN A 29 6.56 1.26 -12.34
N PHE A 30 7.52 0.92 -13.23
CA PHE A 30 8.08 1.79 -14.29
C PHE A 30 8.72 3.12 -13.79
N GLY A 31 8.71 3.34 -12.46
CA GLY A 31 9.25 4.55 -11.83
C GLY A 31 10.05 4.32 -10.55
N SER A 32 10.55 5.41 -9.97
CA SER A 32 11.35 5.32 -8.75
C SER A 32 11.13 6.49 -7.77
N VAL A 33 11.56 6.31 -6.51
CA VAL A 33 11.49 7.36 -5.50
C VAL A 33 12.93 7.68 -5.11
N GLU A 34 13.23 8.98 -5.01
CA GLU A 34 14.56 9.48 -4.67
C GLU A 34 14.49 10.34 -3.45
N LEU A 35 15.54 10.26 -2.60
CA LEU A 35 15.69 11.15 -1.47
C LEU A 35 16.43 12.38 -2.01
N CYS A 36 15.71 13.50 -2.05
CA CYS A 36 16.21 14.79 -2.49
C CYS A 36 16.19 15.74 -1.30
N ARG A 37 16.87 16.88 -1.44
CA ARG A 37 16.85 17.94 -0.45
C ARG A 37 16.36 19.17 -1.19
N TYR A 38 15.32 19.84 -0.65
CA TYR A 38 14.86 21.07 -1.29
C TYR A 38 15.53 22.22 -0.59
N ASP A 39 16.68 22.59 -1.15
CA ASP A 39 17.52 23.62 -0.59
C ASP A 39 17.93 24.64 -1.66
N PRO A 40 17.16 25.74 -1.76
CA PRO A 40 17.45 26.76 -2.78
C PRO A 40 18.82 27.46 -2.63
N LEU A 41 19.29 27.58 -1.37
CA LEU A 41 20.54 28.21 -0.96
C LEU A 41 21.81 27.47 -1.49
N GLY A 42 21.64 26.20 -1.92
CA GLY A 42 22.69 25.34 -2.46
C GLY A 42 23.83 24.96 -1.52
N ASP A 43 23.59 25.14 -0.21
CA ASP A 43 24.50 24.97 0.92
C ASP A 43 24.43 23.59 1.67
N ASN A 44 23.39 22.77 1.36
CA ASN A 44 23.03 21.44 1.92
C ASN A 44 22.33 21.57 3.31
N THR A 45 21.56 22.66 3.51
CA THR A 45 20.88 22.99 4.77
C THR A 45 19.33 23.12 4.68
N GLY A 46 18.73 22.44 3.70
CA GLY A 46 17.27 22.47 3.47
C GLY A 46 16.51 21.18 3.78
N ALA A 47 15.16 21.27 3.79
CA ALA A 47 14.26 20.14 4.07
C ALA A 47 14.47 18.94 3.13
N LEU A 48 14.16 17.74 3.64
CA LEU A 48 14.29 16.50 2.87
C LEU A 48 12.94 16.10 2.33
N VAL A 49 12.92 15.66 1.07
CA VAL A 49 11.68 15.26 0.41
C VAL A 49 11.83 13.96 -0.35
N ALA A 50 10.73 13.19 -0.45
CA ALA A 50 10.69 11.96 -1.25
C ALA A 50 10.18 12.38 -2.65
N VAL A 51 10.97 12.10 -3.70
CA VAL A 51 10.63 12.53 -5.07
C VAL A 51 10.43 11.35 -6.06
N LYS A 52 9.21 11.22 -6.61
CA LYS A 52 8.87 10.15 -7.55
C LYS A 52 8.85 10.62 -9.02
N GLN A 53 9.56 9.88 -9.87
CA GLN A 53 9.62 10.06 -11.32
C GLN A 53 9.39 8.70 -11.91
N LEU A 54 9.28 8.65 -13.24
CA LEU A 54 9.23 7.42 -14.00
C LEU A 54 10.66 7.28 -14.55
N GLN A 55 11.34 6.12 -14.29
CA GLN A 55 12.72 5.85 -14.75
C GLN A 55 12.78 5.90 -16.29
N HIS A 56 11.65 5.58 -16.95
CA HIS A 56 11.42 5.63 -18.39
C HIS A 56 9.93 5.92 -18.65
N SER A 57 9.67 7.04 -19.36
CA SER A 57 8.32 7.54 -19.71
C SER A 57 7.62 6.63 -20.73
N GLY A 58 6.30 6.77 -20.83
CA GLY A 58 5.50 5.98 -21.76
C GLY A 58 4.25 6.67 -22.27
N PRO A 59 3.33 5.92 -22.92
CA PRO A 59 2.10 6.55 -23.42
C PRO A 59 1.10 6.77 -22.29
N ASP A 60 0.55 5.65 -21.75
CA ASP A 60 -0.39 5.59 -20.64
C ASP A 60 0.35 5.77 -19.31
N GLN A 61 1.67 5.48 -19.28
CA GLN A 61 2.53 5.61 -18.10
C GLN A 61 2.51 7.05 -17.57
N GLN A 62 2.64 8.04 -18.49
CA GLN A 62 2.61 9.48 -18.21
C GLN A 62 1.24 9.94 -17.71
N ARG A 63 0.16 9.27 -18.18
CA ARG A 63 -1.23 9.58 -17.81
C ARG A 63 -1.57 8.96 -16.48
N ASP A 64 -1.01 7.77 -16.21
CA ASP A 64 -1.22 7.01 -14.98
C ASP A 64 -0.52 7.73 -13.83
N PHE A 65 0.68 8.28 -14.10
CA PHE A 65 1.47 9.03 -13.13
C PHE A 65 0.76 10.33 -12.80
N GLN A 66 0.20 10.99 -13.83
CA GLN A 66 -0.56 12.24 -13.72
C GLN A 66 -1.79 12.03 -12.83
N ARG A 67 -2.48 10.86 -12.97
CA ARG A 67 -3.63 10.50 -12.14
C ARG A 67 -3.20 10.24 -10.70
N GLU A 68 -2.04 9.56 -10.51
CA GLU A 68 -1.51 9.30 -9.18
C GLU A 68 -1.36 10.64 -8.43
N ILE A 69 -0.81 11.69 -9.13
CA ILE A 69 -0.60 13.03 -8.57
C ILE A 69 -1.92 13.66 -8.12
N GLN A 70 -2.98 13.57 -8.99
CA GLN A 70 -4.33 14.11 -8.73
C GLN A 70 -4.94 13.51 -7.48
N ILE A 71 -4.91 12.17 -7.41
CA ILE A 71 -5.38 11.36 -6.29
C ILE A 71 -4.72 11.80 -4.97
N LEU A 72 -3.38 11.80 -4.89
CA LEU A 72 -2.66 12.16 -3.66
C LEU A 72 -2.74 13.66 -3.30
N LYS A 73 -2.93 14.54 -4.31
CA LYS A 73 -3.10 15.99 -4.10
C LYS A 73 -4.34 16.19 -3.24
N ALA A 74 -5.44 15.50 -3.62
CA ALA A 74 -6.79 15.49 -3.03
C ALA A 74 -6.96 14.65 -1.73
N LEU A 75 -5.89 14.00 -1.24
CA LEU A 75 -5.95 13.19 -0.01
C LEU A 75 -5.24 13.89 1.16
N HIS A 76 -6.02 14.19 2.20
CA HIS A 76 -5.58 14.90 3.41
C HIS A 76 -6.03 14.10 4.63
N SER A 77 -5.14 13.23 5.10
CA SER A 77 -5.36 12.31 6.22
C SER A 77 -4.04 12.12 6.94
N ASP A 78 -4.09 11.92 8.26
CA ASP A 78 -2.88 11.64 9.05
C ASP A 78 -2.35 10.25 8.72
N PHE A 79 -3.18 9.38 8.09
CA PHE A 79 -2.79 8.03 7.74
C PHE A 79 -2.52 7.85 6.22
N ILE A 80 -2.32 8.96 5.48
CA ILE A 80 -1.96 8.97 4.04
C ILE A 80 -0.77 9.91 3.89
N VAL A 81 0.37 9.41 3.32
CA VAL A 81 1.59 10.19 3.05
C VAL A 81 1.23 11.55 2.39
N LYS A 82 1.73 12.66 2.99
CA LYS A 82 1.50 14.03 2.53
C LYS A 82 2.12 14.31 1.16
N TYR A 83 1.34 15.00 0.31
CA TYR A 83 1.72 15.51 -0.99
C TYR A 83 2.33 16.89 -0.68
N ARG A 84 3.50 17.21 -1.23
CA ARG A 84 4.08 18.54 -1.02
C ARG A 84 3.98 19.38 -2.29
N GLY A 85 4.03 18.72 -3.44
CA GLY A 85 3.91 19.37 -4.73
C GLY A 85 4.48 18.60 -5.89
N VAL A 86 4.83 19.36 -6.95
CA VAL A 86 5.38 18.84 -8.20
C VAL A 86 6.58 19.65 -8.66
N SER A 87 7.36 19.08 -9.61
CA SER A 87 8.48 19.71 -10.27
C SER A 87 8.31 19.45 -11.78
N TYR A 88 8.26 20.53 -12.58
CA TYR A 88 8.01 20.49 -14.03
C TYR A 88 9.29 20.53 -14.90
N GLY A 89 9.13 20.07 -16.14
CA GLY A 89 10.15 20.06 -17.20
C GLY A 89 9.48 20.61 -18.46
N PRO A 90 8.76 19.76 -19.25
CA PRO A 90 8.00 20.30 -20.40
C PRO A 90 6.66 20.90 -19.95
N GLY A 91 6.04 21.71 -20.80
CA GLY A 91 4.75 22.34 -20.50
C GLY A 91 3.57 21.57 -21.09
N ARG A 92 2.63 21.04 -20.26
CA ARG A 92 2.53 21.10 -18.79
C ARG A 92 2.66 19.70 -18.12
N GLN A 93 3.68 18.91 -18.55
CA GLN A 93 3.91 17.56 -18.00
C GLN A 93 4.62 17.59 -16.63
N SER A 94 3.87 17.21 -15.55
CA SER A 94 4.35 17.15 -14.15
C SER A 94 5.36 16.01 -14.01
N LEU A 95 6.64 16.30 -14.34
CA LEU A 95 7.77 15.38 -14.35
C LEU A 95 7.98 14.62 -13.03
N ARG A 96 7.93 15.34 -11.89
CA ARG A 96 8.15 14.74 -10.57
C ARG A 96 7.02 15.02 -9.58
N LEU A 97 6.85 14.09 -8.63
CA LEU A 97 5.90 14.13 -7.55
C LEU A 97 6.71 14.25 -6.25
N VAL A 98 6.46 15.34 -5.51
CA VAL A 98 7.17 15.62 -4.28
C VAL A 98 6.27 15.29 -3.09
N MET A 99 6.75 14.41 -2.22
CA MET A 99 6.04 13.99 -1.03
C MET A 99 6.91 14.25 0.19
N GLU A 100 6.34 14.08 1.40
CA GLU A 100 7.09 14.20 2.63
C GLU A 100 8.03 12.98 2.76
N TYR A 101 9.18 13.17 3.42
CA TYR A 101 10.14 12.10 3.63
C TYR A 101 9.95 11.52 5.03
N LEU A 102 9.66 10.22 5.10
CA LEU A 102 9.47 9.52 6.36
C LEU A 102 10.74 8.69 6.55
N PRO A 103 11.73 9.19 7.34
CA PRO A 103 13.03 8.52 7.41
C PRO A 103 13.01 7.03 7.76
N SER A 104 12.05 6.60 8.64
CA SER A 104 11.90 5.19 9.06
C SER A 104 11.48 4.23 7.91
N GLY A 105 11.14 4.81 6.76
CA GLY A 105 10.81 4.09 5.53
C GLY A 105 9.62 3.16 5.62
N CYS A 106 9.78 1.96 5.05
CA CYS A 106 8.72 0.94 5.00
C CYS A 106 8.47 0.28 6.28
N LEU A 107 7.21 -0.12 6.48
CA LEU A 107 6.78 -0.90 7.63
C LEU A 107 7.40 -2.29 7.53
N ARG A 108 7.47 -2.89 6.32
CA ARG A 108 8.09 -4.19 6.10
C ARG A 108 9.48 -4.27 6.75
N ASP A 109 10.36 -3.35 6.34
CA ASP A 109 11.74 -3.26 6.84
C ASP A 109 11.80 -2.79 8.31
N PHE A 110 10.94 -1.84 8.71
CA PHE A 110 10.88 -1.36 10.10
C PHE A 110 10.51 -2.49 11.06
N LEU A 111 9.58 -3.38 10.65
CA LEU A 111 9.12 -4.54 11.41
C LEU A 111 10.27 -5.52 11.67
N GLN A 112 10.98 -5.95 10.60
CA GLN A 112 12.14 -6.82 10.67
C GLN A 112 13.19 -6.22 11.63
N ARG A 113 13.53 -4.92 11.44
CA ARG A 113 14.53 -4.18 12.21
C ARG A 113 14.21 -3.95 13.70
N HIS A 114 12.92 -3.94 14.10
CA HIS A 114 12.52 -3.62 15.48
C HIS A 114 11.62 -4.64 16.15
N ARG A 115 11.40 -5.83 15.57
CA ARG A 115 10.47 -6.84 16.09
C ARG A 115 10.61 -7.18 17.59
N ALA A 116 11.83 -7.13 18.17
CA ALA A 116 12.02 -7.41 19.60
C ALA A 116 11.41 -6.32 20.49
N ARG A 117 11.21 -5.10 19.93
CA ARG A 117 10.64 -3.94 20.61
C ARG A 117 9.11 -3.80 20.45
N LEU A 118 8.57 -4.15 19.26
CA LEU A 118 7.15 -3.99 18.93
C LEU A 118 6.28 -5.14 19.43
N ASP A 119 5.37 -4.86 20.35
CA ASP A 119 4.47 -5.88 20.88
C ASP A 119 3.16 -5.92 20.05
N ALA A 120 2.21 -6.83 20.42
CA ALA A 120 0.92 -6.92 19.72
C ALA A 120 0.07 -5.63 19.81
N SER A 121 0.19 -4.89 20.94
CA SER A 121 -0.53 -3.62 21.19
C SER A 121 -0.17 -2.61 20.11
N ARG A 122 1.14 -2.47 19.82
CA ARG A 122 1.66 -1.59 18.78
C ARG A 122 1.25 -2.09 17.38
N LEU A 123 1.30 -3.43 17.15
CA LEU A 123 0.89 -4.02 15.88
C LEU A 123 -0.57 -3.72 15.62
N LEU A 124 -1.40 -3.73 16.67
CA LEU A 124 -2.83 -3.44 16.56
C LEU A 124 -3.10 -1.98 16.32
N LEU A 125 -2.24 -1.10 16.87
CA LEU A 125 -2.31 0.35 16.68
C LEU A 125 -2.07 0.61 15.21
N TYR A 126 -0.99 0.03 14.65
CA TYR A 126 -0.69 0.16 13.22
C TYR A 126 -1.88 -0.25 12.38
N SER A 127 -2.46 -1.43 12.65
CA SER A 127 -3.62 -1.99 11.97
C SER A 127 -4.77 -0.99 11.96
N SER A 128 -5.09 -0.42 13.14
CA SER A 128 -6.12 0.59 13.38
C SER A 128 -5.92 1.82 12.46
N GLN A 129 -4.68 2.31 12.36
CA GLN A 129 -4.25 3.45 11.54
C GLN A 129 -4.32 3.13 10.05
N ILE A 130 -3.88 1.92 9.63
CA ILE A 130 -3.94 1.48 8.24
C ILE A 130 -5.43 1.42 7.86
N CYS A 131 -6.25 0.85 8.75
CA CYS A 131 -7.69 0.73 8.56
C CYS A 131 -8.33 2.13 8.42
N LYS A 132 -8.04 3.04 9.38
CA LYS A 132 -8.60 4.38 9.34
C LYS A 132 -8.32 5.12 8.04
N GLY A 133 -7.09 4.97 7.53
CA GLY A 133 -6.66 5.59 6.28
C GLY A 133 -7.37 5.00 5.07
N MET A 134 -7.72 3.71 5.15
CA MET A 134 -8.45 2.99 4.10
C MET A 134 -9.92 3.35 4.12
N GLU A 135 -10.47 3.62 5.34
CA GLU A 135 -11.83 4.14 5.57
C GLU A 135 -11.91 5.41 4.68
N TYR A 136 -11.03 6.41 4.96
CA TYR A 136 -10.92 7.65 4.20
C TYR A 136 -10.82 7.46 2.68
N LEU A 137 -9.95 6.54 2.19
CA LEU A 137 -9.81 6.29 0.75
C LEU A 137 -11.16 5.90 0.15
N GLY A 138 -11.83 4.94 0.80
CA GLY A 138 -13.14 4.44 0.40
C GLY A 138 -14.17 5.53 0.35
N SER A 139 -14.12 6.47 1.33
CA SER A 139 -14.98 7.64 1.43
C SER A 139 -14.82 8.56 0.18
N ARG A 140 -13.57 8.68 -0.32
CA ARG A 140 -13.18 9.46 -1.50
C ARG A 140 -13.25 8.59 -2.77
N ARG A 141 -13.90 7.39 -2.70
CA ARG A 141 -14.12 6.41 -3.80
C ARG A 141 -12.83 5.85 -4.43
N CYS A 142 -11.79 5.75 -3.59
CA CYS A 142 -10.48 5.35 -4.01
C CYS A 142 -10.17 3.90 -3.67
N VAL A 143 -9.86 3.12 -4.72
CA VAL A 143 -9.41 1.75 -4.57
C VAL A 143 -7.88 1.82 -4.67
N HIS A 144 -7.19 1.42 -3.61
CA HIS A 144 -5.74 1.44 -3.55
C HIS A 144 -5.10 0.45 -4.54
N ARG A 145 -5.67 -0.78 -4.62
CA ARG A 145 -5.29 -1.88 -5.51
C ARG A 145 -3.94 -2.52 -5.22
N ASP A 146 -3.16 -1.95 -4.27
CA ASP A 146 -1.80 -2.41 -3.98
C ASP A 146 -1.42 -2.19 -2.51
N LEU A 147 -2.35 -2.51 -1.62
CA LEU A 147 -2.12 -2.40 -0.18
C LEU A 147 -1.31 -3.63 0.25
N ALA A 148 -0.16 -3.40 0.91
CA ALA A 148 0.85 -4.37 1.37
C ALA A 148 1.77 -3.64 2.33
N ALA A 149 2.49 -4.35 3.22
CA ALA A 149 3.38 -3.69 4.19
C ALA A 149 4.58 -2.99 3.55
N ARG A 150 4.89 -3.36 2.29
CA ARG A 150 5.97 -2.75 1.51
C ARG A 150 5.55 -1.31 1.08
N ASN A 151 4.22 -1.07 0.99
CA ASN A 151 3.59 0.19 0.55
C ASN A 151 3.08 1.06 1.68
N ILE A 152 3.48 0.75 2.90
CA ILE A 152 3.12 1.51 4.08
C ILE A 152 4.43 2.10 4.67
N LEU A 153 4.33 3.35 5.15
CA LEU A 153 5.46 4.10 5.72
C LEU A 153 5.30 4.41 7.21
N VAL A 154 6.43 4.64 7.89
CA VAL A 154 6.48 4.95 9.31
C VAL A 154 6.89 6.43 9.56
N GLU A 155 5.96 7.22 10.14
CA GLU A 155 6.18 8.61 10.50
C GLU A 155 7.03 8.61 11.78
N SER A 156 6.65 7.72 12.73
CA SER A 156 7.26 7.54 14.04
C SER A 156 6.85 6.17 14.64
N GLU A 157 7.44 5.81 15.79
CA GLU A 157 7.22 4.58 16.57
C GLU A 157 5.71 4.24 16.68
N ALA A 158 4.87 5.27 16.80
CA ALA A 158 3.42 5.08 16.94
C ALA A 158 2.62 5.69 15.79
N HIS A 159 3.24 5.89 14.62
CA HIS A 159 2.49 6.44 13.49
C HIS A 159 2.91 5.88 12.15
N VAL A 160 1.92 5.34 11.43
CA VAL A 160 2.03 4.81 10.08
C VAL A 160 1.08 5.54 9.10
N LYS A 161 1.53 5.65 7.83
CA LYS A 161 0.81 6.28 6.72
C LYS A 161 0.83 5.34 5.51
N ILE A 162 -0.28 5.28 4.75
CA ILE A 162 -0.39 4.47 3.52
C ILE A 162 0.24 5.28 2.36
N ALA A 163 1.07 4.62 1.57
CA ALA A 163 1.76 5.25 0.43
C ALA A 163 1.50 4.50 -0.88
N ASP A 164 2.30 4.83 -1.92
CA ASP A 164 2.23 4.29 -3.27
C ASP A 164 0.81 4.24 -3.86
N PHE A 165 0.43 5.29 -4.59
CA PHE A 165 -0.87 5.41 -5.25
C PHE A 165 -0.73 5.21 -6.77
N GLY A 166 0.38 4.60 -7.17
CA GLY A 166 0.71 4.33 -8.58
C GLY A 166 -0.25 3.42 -9.32
N LEU A 167 -0.98 2.58 -8.61
CA LEU A 167 -1.96 1.64 -9.17
C LEU A 167 -3.38 2.00 -8.75
N ALA A 168 -3.51 3.01 -7.86
CA ALA A 168 -4.80 3.49 -7.31
C ALA A 168 -5.75 4.00 -8.37
N LYS A 169 -7.03 3.63 -8.22
CA LYS A 169 -8.07 4.05 -9.13
C LYS A 169 -9.26 4.68 -8.39
N LEU A 170 -10.02 5.51 -9.13
CA LEU A 170 -11.21 6.20 -8.66
C LEU A 170 -12.44 5.52 -9.25
N LEU A 171 -13.39 5.18 -8.38
CA LEU A 171 -14.61 4.53 -8.82
C LEU A 171 -15.58 5.56 -9.41
N PRO A 172 -16.10 5.35 -10.65
CA PRO A 172 -17.15 6.25 -11.17
C PRO A 172 -18.37 6.12 -10.25
N LEU A 173 -19.19 7.15 -10.12
CA LEU A 173 -20.33 7.10 -9.18
C LEU A 173 -21.37 6.00 -9.48
N ASP A 174 -21.52 5.62 -10.76
CA ASP A 174 -22.45 4.59 -11.19
C ASP A 174 -22.00 3.14 -10.86
N LYS A 175 -20.66 2.94 -10.69
CA LYS A 175 -20.03 1.64 -10.47
C LYS A 175 -19.29 1.58 -9.15
N ASP A 176 -19.45 0.50 -8.39
CA ASP A 176 -18.77 0.32 -7.09
C ASP A 176 -17.59 -0.67 -7.17
N TYR A 177 -17.30 -1.16 -8.40
CA TYR A 177 -16.21 -2.07 -8.73
C TYR A 177 -15.47 -1.55 -9.97
N TYR A 178 -14.21 -1.99 -10.17
CA TYR A 178 -13.39 -1.54 -11.30
C TYR A 178 -12.72 -2.74 -11.95
N VAL A 179 -12.90 -2.88 -13.27
CA VAL A 179 -12.29 -3.97 -14.02
C VAL A 179 -11.08 -3.44 -14.80
N VAL A 180 -9.90 -4.04 -14.57
CA VAL A 180 -8.66 -3.64 -15.24
C VAL A 180 -8.38 -4.57 -16.44
N ARG A 181 -7.70 -4.07 -17.48
CA ARG A 181 -7.40 -4.88 -18.67
C ARG A 181 -6.01 -5.52 -18.63
N GLU A 182 -4.95 -4.69 -18.42
CA GLU A 182 -3.55 -5.10 -18.35
C GLU A 182 -3.33 -6.02 -17.14
N PRO A 183 -2.61 -7.16 -17.28
CA PRO A 183 -2.41 -8.05 -16.12
C PRO A 183 -1.64 -7.37 -14.97
N GLY A 184 -2.07 -7.66 -13.74
CA GLY A 184 -1.48 -7.11 -12.53
C GLY A 184 -0.10 -7.64 -12.22
N GLN A 185 0.94 -6.84 -12.53
CA GLN A 185 2.35 -7.18 -12.32
C GLN A 185 2.82 -7.09 -10.83
N SER A 186 1.88 -7.06 -9.86
CA SER A 186 2.20 -7.08 -8.42
C SER A 186 2.04 -8.53 -7.88
N PRO A 187 2.78 -8.95 -6.81
CA PRO A 187 2.64 -10.34 -6.33
C PRO A 187 1.21 -10.73 -6.01
N ILE A 188 0.71 -11.72 -6.78
CA ILE A 188 -0.64 -12.30 -6.76
C ILE A 188 -1.17 -12.63 -5.36
N PHE A 189 -0.26 -12.77 -4.39
CA PHE A 189 -0.48 -13.13 -2.99
C PHE A 189 -1.26 -12.12 -2.18
N TRP A 190 -1.48 -10.94 -2.73
CA TRP A 190 -2.26 -9.91 -2.07
C TRP A 190 -3.63 -9.74 -2.72
N TYR A 191 -3.80 -10.21 -3.98
CA TYR A 191 -5.08 -10.09 -4.69
C TYR A 191 -6.14 -11.04 -4.16
N ALA A 192 -7.40 -10.55 -4.17
CA ALA A 192 -8.60 -11.29 -3.80
C ALA A 192 -8.94 -12.26 -4.96
N PRO A 193 -9.81 -13.29 -4.76
CA PRO A 193 -10.10 -14.21 -5.87
C PRO A 193 -10.65 -13.56 -7.14
N GLU A 194 -11.58 -12.58 -6.99
CA GLU A 194 -12.19 -11.85 -8.12
C GLU A 194 -11.17 -11.02 -8.89
N SER A 195 -10.06 -10.61 -8.22
CA SER A 195 -8.99 -9.87 -8.85
C SER A 195 -8.20 -10.89 -9.67
N LEU A 196 -7.87 -12.04 -9.02
CA LEU A 196 -7.16 -13.18 -9.62
C LEU A 196 -7.84 -13.70 -10.90
N SER A 197 -9.14 -14.06 -10.78
CA SER A 197 -9.98 -14.64 -11.84
C SER A 197 -10.56 -13.63 -12.86
N ASP A 198 -11.24 -12.56 -12.42
CA ASP A 198 -11.91 -11.62 -13.34
C ASP A 198 -11.37 -10.19 -13.40
N ASN A 199 -10.19 -9.88 -12.77
CA ASN A 199 -9.54 -8.55 -12.73
C ASN A 199 -10.42 -7.42 -12.14
N ILE A 200 -11.30 -7.81 -11.20
CA ILE A 200 -12.22 -6.91 -10.49
C ILE A 200 -11.48 -6.42 -9.25
N PHE A 201 -11.51 -5.10 -9.02
CA PHE A 201 -10.92 -4.44 -7.86
C PHE A 201 -11.98 -3.54 -7.24
N SER A 202 -12.05 -3.54 -5.90
CA SER A 202 -13.02 -2.77 -5.14
C SER A 202 -12.46 -2.46 -3.77
N ARG A 203 -13.26 -1.78 -2.90
CA ARG A 203 -12.91 -1.49 -1.51
C ARG A 203 -12.95 -2.82 -0.79
N GLN A 204 -13.77 -3.75 -1.32
CA GLN A 204 -13.95 -5.11 -0.81
C GLN A 204 -12.71 -5.97 -1.09
N SER A 205 -11.99 -5.70 -2.20
CA SER A 205 -10.77 -6.41 -2.53
C SER A 205 -9.61 -5.81 -1.70
N ASP A 206 -9.70 -4.51 -1.39
CA ASP A 206 -8.74 -3.79 -0.57
C ASP A 206 -8.79 -4.33 0.87
N VAL A 207 -10.00 -4.73 1.34
CA VAL A 207 -10.26 -5.35 2.66
C VAL A 207 -9.51 -6.70 2.72
N TRP A 208 -9.58 -7.52 1.63
CA TRP A 208 -8.91 -8.81 1.49
C TRP A 208 -7.41 -8.57 1.66
N SER A 209 -6.88 -7.62 0.85
CA SER A 209 -5.48 -7.22 0.87
C SER A 209 -5.08 -6.68 2.24
N PHE A 210 -6.06 -6.15 3.00
CA PHE A 210 -5.80 -5.69 4.37
C PHE A 210 -5.56 -6.89 5.32
N GLY A 211 -6.29 -7.99 5.11
CA GLY A 211 -6.13 -9.21 5.91
C GLY A 211 -4.72 -9.75 5.76
N VAL A 212 -4.18 -9.64 4.52
CA VAL A 212 -2.80 -10.05 4.22
C VAL A 212 -1.82 -9.07 4.92
N VAL A 213 -2.20 -7.76 5.05
CA VAL A 213 -1.42 -6.74 5.77
C VAL A 213 -1.39 -7.09 7.28
N LEU A 214 -2.56 -7.51 7.86
CA LEU A 214 -2.64 -7.94 9.27
C LEU A 214 -1.76 -9.18 9.48
N TYR A 215 -1.74 -10.09 8.47
CA TYR A 215 -0.92 -11.29 8.46
C TYR A 215 0.54 -10.85 8.52
N GLU A 216 0.90 -9.93 7.60
CA GLU A 216 2.22 -9.34 7.43
C GLU A 216 2.71 -8.70 8.70
N LEU A 217 1.83 -7.96 9.39
CA LEU A 217 2.15 -7.30 10.64
C LEU A 217 2.49 -8.31 11.73
N PHE A 218 1.64 -9.34 11.88
CA PHE A 218 1.77 -10.31 12.95
C PHE A 218 2.87 -11.37 12.72
N THR A 219 3.47 -11.40 11.52
CA THR A 219 4.59 -12.25 11.15
C THR A 219 5.87 -11.38 11.16
N TYR A 220 5.71 -10.09 11.55
CA TYR A 220 6.74 -9.04 11.50
C TYR A 220 7.51 -9.09 10.18
N CYS A 221 6.75 -9.29 9.07
CA CYS A 221 7.24 -9.38 7.70
C CYS A 221 8.41 -10.37 7.53
N ASP A 222 8.35 -11.54 8.23
CA ASP A 222 9.38 -12.55 8.13
C ASP A 222 9.32 -13.09 6.72
N LYS A 223 10.49 -13.27 6.11
CA LYS A 223 10.60 -13.76 4.75
C LYS A 223 10.25 -15.22 4.66
N SER A 224 10.49 -15.99 5.75
CA SER A 224 10.25 -17.44 5.84
C SER A 224 8.77 -17.79 5.79
N CYS A 225 7.92 -17.02 6.46
CA CYS A 225 6.48 -17.27 6.50
C CYS A 225 5.70 -16.17 5.77
N SER A 226 6.40 -15.36 4.94
CA SER A 226 5.85 -14.29 4.10
C SER A 226 4.67 -14.79 3.25
N PRO A 227 3.72 -13.91 2.84
CA PRO A 227 2.58 -14.37 2.02
C PRO A 227 2.97 -15.18 0.79
N SER A 228 4.04 -14.76 0.11
CA SER A 228 4.60 -15.44 -1.06
C SER A 228 5.14 -16.80 -0.67
N ALA A 229 6.09 -16.83 0.30
CA ALA A 229 6.76 -18.03 0.82
C ALA A 229 5.78 -19.07 1.29
N GLU A 230 4.82 -18.67 2.13
CA GLU A 230 3.89 -19.61 2.72
C GLU A 230 2.82 -20.11 1.74
N PHE A 231 2.36 -19.29 0.78
CA PHE A 231 1.36 -19.77 -0.19
C PHE A 231 1.94 -20.75 -1.22
N LEU A 232 3.19 -20.47 -1.67
CA LEU A 232 3.89 -21.30 -2.64
C LEU A 232 4.20 -22.67 -2.06
N ARG A 233 4.44 -22.69 -0.72
CA ARG A 233 4.73 -23.89 0.05
C ARG A 233 3.45 -24.73 0.10
N MET A 234 2.29 -24.09 0.37
CA MET A 234 0.95 -24.68 0.38
C MET A 234 0.52 -25.15 -1.05
N MET A 235 1.00 -24.45 -2.12
CA MET A 235 0.71 -24.75 -3.54
C MET A 235 1.37 -26.04 -4.04
N GLY A 236 0.68 -26.72 -4.96
CA GLY A 236 1.12 -27.97 -5.57
C GLY A 236 0.55 -29.21 -4.88
N VAL A 241 0.80 -26.77 -13.98
CA VAL A 241 -0.24 -25.79 -13.67
C VAL A 241 0.34 -24.38 -13.45
N PRO A 242 -0.32 -23.29 -13.98
CA PRO A 242 0.22 -21.93 -13.76
C PRO A 242 0.05 -21.47 -12.31
N ALA A 243 0.99 -20.64 -11.79
CA ALA A 243 0.98 -20.18 -10.39
C ALA A 243 -0.31 -19.48 -9.94
N LEU A 244 -0.87 -18.58 -10.80
CA LEU A 244 -2.13 -17.87 -10.54
C LEU A 244 -3.27 -18.88 -10.33
N SER A 245 -3.38 -19.88 -11.24
CA SER A 245 -4.39 -20.94 -11.24
C SER A 245 -4.34 -21.78 -9.97
N ARG A 246 -3.11 -22.13 -9.53
CA ARG A 246 -2.82 -22.88 -8.31
C ARG A 246 -3.28 -22.09 -7.06
N LEU A 247 -3.09 -20.75 -7.08
CA LEU A 247 -3.52 -19.87 -5.99
C LEU A 247 -5.05 -19.80 -5.93
N LEU A 248 -5.72 -19.60 -7.10
CA LEU A 248 -7.18 -19.58 -7.22
C LEU A 248 -7.81 -20.87 -6.70
N GLU A 249 -7.34 -22.05 -7.18
CA GLU A 249 -7.78 -23.38 -6.73
C GLU A 249 -7.76 -23.47 -5.20
N LEU A 250 -6.60 -23.10 -4.58
CA LEU A 250 -6.31 -23.07 -3.15
C LEU A 250 -7.37 -22.29 -2.40
N LEU A 251 -7.51 -21.00 -2.75
CA LEU A 251 -8.45 -20.09 -2.12
C LEU A 251 -9.93 -20.46 -2.37
N GLU A 252 -10.27 -21.02 -3.55
CA GLU A 252 -11.63 -21.47 -3.91
C GLU A 252 -12.04 -22.73 -3.16
N GLU A 253 -11.04 -23.55 -2.75
CA GLU A 253 -11.21 -24.74 -1.92
C GLU A 253 -11.46 -24.26 -0.49
N GLY A 254 -11.12 -23.00 -0.22
CA GLY A 254 -11.25 -22.38 1.09
C GLY A 254 -9.96 -22.39 1.89
N GLN A 255 -8.80 -22.65 1.22
CA GLN A 255 -7.48 -22.65 1.87
C GLN A 255 -7.04 -21.20 2.05
N ARG A 256 -6.47 -20.88 3.23
CA ARG A 256 -6.02 -19.53 3.59
C ARG A 256 -4.69 -19.58 4.28
N LEU A 257 -3.97 -18.42 4.34
CA LEU A 257 -2.70 -18.31 5.07
C LEU A 257 -2.85 -18.78 6.54
N PRO A 258 -1.88 -19.57 7.07
CA PRO A 258 -1.99 -20.05 8.46
C PRO A 258 -1.93 -18.91 9.48
N ALA A 259 -2.33 -19.18 10.72
CA ALA A 259 -2.28 -18.16 11.77
C ALA A 259 -0.83 -17.81 12.04
N PRO A 260 -0.38 -16.53 11.93
CA PRO A 260 1.03 -16.24 12.24
C PRO A 260 1.46 -16.82 13.60
N PRO A 261 2.70 -17.31 13.74
CA PRO A 261 3.14 -17.84 15.04
C PRO A 261 2.88 -16.84 16.17
N ALA A 262 2.29 -17.31 17.30
CA ALA A 262 1.98 -16.54 18.51
C ALA A 262 0.91 -15.44 18.35
N CYS A 263 0.30 -15.35 17.16
CA CYS A 263 -0.74 -14.39 16.83
C CYS A 263 -1.99 -14.52 17.75
N PRO A 264 -2.55 -13.40 18.31
CA PRO A 264 -3.80 -13.53 19.11
C PRO A 264 -4.93 -14.02 18.22
N ALA A 265 -5.75 -14.97 18.71
CA ALA A 265 -6.81 -15.62 17.93
C ALA A 265 -7.84 -14.67 17.33
N GLU A 266 -8.20 -13.62 18.07
CA GLU A 266 -9.16 -12.58 17.69
C GLU A 266 -8.70 -11.91 16.40
N VAL A 267 -7.40 -11.57 16.32
CA VAL A 267 -6.76 -10.97 15.14
C VAL A 267 -6.83 -11.97 13.97
N HIS A 268 -6.40 -13.23 14.17
CA HIS A 268 -6.48 -14.26 13.14
C HIS A 268 -7.92 -14.40 12.62
N GLU A 269 -8.93 -14.37 13.53
CA GLU A 269 -10.34 -14.44 13.14
C GLU A 269 -10.74 -13.26 12.23
N LEU A 270 -10.20 -12.03 12.50
CA LEU A 270 -10.42 -10.82 11.69
C LEU A 270 -9.80 -10.99 10.31
N MET A 271 -8.64 -11.69 10.23
CA MET A 271 -7.97 -11.98 8.97
C MET A 271 -8.87 -12.90 8.18
N LYS A 272 -9.37 -13.98 8.83
CA LYS A 272 -10.29 -14.97 8.24
C LYS A 272 -11.51 -14.27 7.64
N LEU A 273 -12.02 -13.23 8.34
CA LEU A 273 -13.17 -12.41 7.93
C LEU A 273 -12.92 -11.64 6.63
N CYS A 274 -11.78 -10.90 6.58
CA CYS A 274 -11.27 -10.14 5.41
C CYS A 274 -11.13 -11.05 4.20
N TRP A 275 -10.96 -12.35 4.47
CA TRP A 275 -10.73 -13.38 3.49
C TRP A 275 -11.97 -14.21 3.13
N ALA A 276 -13.17 -13.64 3.36
CA ALA A 276 -14.45 -14.24 2.99
C ALA A 276 -14.45 -14.40 1.45
N PRO A 277 -14.86 -15.58 0.92
CA PRO A 277 -14.83 -15.80 -0.55
C PRO A 277 -15.49 -14.71 -1.38
N SER A 278 -16.71 -14.31 -1.00
CA SER A 278 -17.45 -13.28 -1.74
C SER A 278 -17.21 -11.90 -1.13
N PRO A 279 -16.97 -10.92 -2.02
CA PRO A 279 -16.68 -9.54 -1.57
C PRO A 279 -17.65 -8.92 -0.59
N GLN A 280 -18.95 -9.22 -0.75
CA GLN A 280 -20.03 -8.63 0.07
C GLN A 280 -20.11 -9.24 1.47
N ASP A 281 -19.35 -10.31 1.75
CA ASP A 281 -19.31 -10.95 3.07
C ASP A 281 -18.14 -10.42 3.94
N ARG A 282 -17.20 -9.70 3.30
CA ARG A 282 -16.04 -9.14 3.98
C ARG A 282 -16.44 -7.87 4.73
N PRO A 283 -15.93 -7.67 5.97
CA PRO A 283 -16.29 -6.47 6.73
C PRO A 283 -15.80 -5.18 6.08
N SER A 284 -16.47 -4.06 6.35
CA SER A 284 -15.99 -2.80 5.80
C SER A 284 -14.87 -2.30 6.75
N PHE A 285 -14.06 -1.30 6.30
CA PHE A 285 -13.01 -0.68 7.10
C PHE A 285 -13.65 0.12 8.26
N SER A 286 -14.87 0.66 8.04
CA SER A 286 -15.64 1.35 9.08
C SER A 286 -16.01 0.33 10.16
N ALA A 287 -16.40 -0.90 9.75
CA ALA A 287 -16.76 -2.01 10.64
C ALA A 287 -15.54 -2.62 11.32
N LEU A 288 -14.40 -2.74 10.61
CA LEU A 288 -13.14 -3.31 11.12
C LEU A 288 -12.47 -2.45 12.22
N GLY A 289 -12.42 -1.14 11.98
CA GLY A 289 -11.79 -0.13 12.82
C GLY A 289 -12.08 -0.19 14.30
N PRO A 290 -13.36 -0.21 14.74
CA PRO A 290 -13.65 -0.27 16.19
C PRO A 290 -13.34 -1.65 16.79
N GLN A 291 -13.35 -2.70 15.94
CA GLN A 291 -13.04 -4.08 16.30
C GLN A 291 -11.56 -4.17 16.65
N LEU A 292 -10.73 -3.48 15.85
CA LEU A 292 -9.28 -3.42 16.06
C LEU A 292 -8.98 -2.59 17.31
N ASP A 293 -9.77 -1.51 17.54
CA ASP A 293 -9.63 -0.63 18.70
C ASP A 293 -9.94 -1.34 20.03
N MET A 294 -10.90 -2.31 20.00
CA MET A 294 -11.25 -3.17 21.13
C MET A 294 -10.02 -4.01 21.59
N LEU A 295 -9.15 -4.41 20.66
CA LEU A 295 -7.95 -5.20 20.93
C LEU A 295 -6.71 -4.34 21.35
N TRP A 296 -6.76 -2.98 21.08
CA TRP A 296 -5.86 -1.85 21.46
C TRP A 296 -4.56 -1.70 20.67
#